data_3LQN
#
_entry.id   3LQN
#
_cell.length_a   27.585
_cell.length_b   120.770
_cell.length_c   80.026
_cell.angle_alpha   90.00
_cell.angle_beta   90.00
_cell.angle_gamma   90.00
#
_symmetry.space_group_name_H-M   'C 2 2 21'
#
loop_
_entity.id
_entity.type
_entity.pdbx_description
1 polymer 'CBS domain protein'
2 non-polymer 'SULFATE ION'
3 non-polymer 'FORMIC ACID'
4 non-polymer GLYCEROL
5 water water
#
_entity_poly.entity_id   1
_entity_poly.type   'polypeptide(L)'
_entity_poly.pdbx_seq_one_letter_code
;SNAMISIPKDEFQQIFVKDLMISSEKVAHVQIGNGLEHALLVLVKSGYSAIPVLDPMYKLHGLISTAMILDGILGLERIE
FERLEEMKVEQVMKQDIPVLKLEDSFAKALEMTIDHPFICAVNEDGYFEGILTRRAILKLLNKKVRQHNR
;
_entity_poly.pdbx_strand_id   A
#
loop_
_chem_comp.id
_chem_comp.type
_chem_comp.name
_chem_comp.formula
FMT non-polymer 'FORMIC ACID' 'C H2 O2'
GOL non-polymer GLYCEROL 'C3 H8 O3'
SO4 non-polymer 'SULFATE ION' 'O4 S -2'
#
# COMPACT_ATOMS: atom_id res chain seq x y z
N PRO A 8 24.46 -2.09 16.08
CA PRO A 8 23.55 -1.98 17.22
C PRO A 8 22.48 -3.06 17.07
N LYS A 9 22.86 -4.30 17.34
CA LYS A 9 21.95 -5.42 17.19
C LYS A 9 20.83 -5.36 18.21
N ASP A 10 21.06 -4.66 19.32
CA ASP A 10 19.95 -4.40 20.23
C ASP A 10 18.97 -3.58 19.43
N GLU A 11 19.48 -2.54 18.80
CA GLU A 11 18.68 -1.69 17.92
C GLU A 11 17.96 -2.52 16.88
N PHE A 12 18.70 -3.28 16.07
N PHE A 12 18.76 -3.25 16.11
CA PHE A 12 18.07 -4.02 14.99
CA PHE A 12 18.28 -4.14 15.06
C PHE A 12 16.96 -4.96 15.45
C PHE A 12 17.18 -5.03 15.57
N GLN A 13 17.24 -5.68 16.53
N GLN A 13 17.42 -5.71 16.68
CA GLN A 13 16.29 -6.67 17.08
CA GLN A 13 16.41 -6.65 17.18
C GLN A 13 15.19 -6.04 17.94
C GLN A 13 15.14 -5.92 17.68
N GLN A 14 15.35 -4.77 18.31
CA GLN A 14 14.27 -4.05 18.99
C GLN A 14 13.51 -3.04 18.14
N ILE A 15 13.74 -3.07 16.83
CA ILE A 15 12.98 -2.27 15.91
C ILE A 15 12.05 -3.20 15.18
N PHE A 16 10.78 -2.92 15.33
CA PHE A 16 9.73 -3.74 14.76
C PHE A 16 9.06 -2.95 13.67
N VAL A 17 8.21 -3.65 12.93
CA VAL A 17 7.40 -3.04 11.87
C VAL A 17 6.64 -1.78 12.37
N LYS A 18 6.06 -1.88 13.56
CA LYS A 18 5.30 -0.77 14.13
C LYS A 18 6.10 0.48 14.38
N ASP A 19 7.42 0.33 14.57
CA ASP A 19 8.30 1.46 14.84
C ASP A 19 8.70 2.24 13.58
N LEU A 20 8.62 1.57 12.44
CA LEU A 20 9.06 2.12 11.16
C LEU A 20 7.86 2.56 10.30
N MET A 21 6.68 2.05 10.62
CA MET A 21 5.58 2.22 9.67
C MET A 21 5.02 3.63 9.72
N ILE A 22 4.35 4.00 8.62
CA ILE A 22 3.56 5.20 8.62
C ILE A 22 2.19 4.81 9.13
N SER A 23 1.68 5.51 10.15
CA SER A 23 0.44 5.06 10.76
C SER A 23 -0.79 5.21 9.83
N SER A 24 -1.77 4.35 10.01
CA SER A 24 -2.87 4.20 9.06
C SER A 24 -3.70 5.48 8.92
N GLU A 25 -3.77 6.25 10.01
CA GLU A 25 -4.46 7.53 9.93
C GLU A 25 -3.81 8.55 8.99
N LYS A 26 -2.57 8.34 8.54
CA LYS A 26 -1.93 9.26 7.62
C LYS A 26 -2.01 8.71 6.18
N VAL A 27 -2.69 7.59 6.02
CA VAL A 27 -2.72 6.90 4.71
C VAL A 27 -4.12 6.92 4.13
N ALA A 28 -4.26 7.40 2.89
CA ALA A 28 -5.56 7.33 2.24
C ALA A 28 -5.91 5.87 1.92
N HIS A 29 -7.21 5.59 1.79
CA HIS A 29 -7.72 4.26 1.41
C HIS A 29 -8.98 4.39 0.53
N VAL A 30 -9.40 3.29 -0.06
CA VAL A 30 -10.69 3.16 -0.73
C VAL A 30 -11.32 1.81 -0.33
N GLN A 31 -12.53 1.56 -0.82
CA GLN A 31 -13.29 0.31 -0.63
C GLN A 31 -13.52 -0.44 -1.92
N ILE A 32 -13.75 -1.74 -1.88
N ILE A 32 -13.80 -1.74 -1.89
CA ILE A 32 -13.89 -2.55 -3.10
CA ILE A 32 -13.88 -2.53 -3.17
C ILE A 32 -14.81 -1.94 -4.17
C ILE A 32 -14.91 -2.07 -4.23
N GLY A 33 -15.98 -1.47 -3.76
CA GLY A 33 -17.01 -0.98 -4.64
C GLY A 33 -16.82 0.46 -5.08
N ASN A 34 -15.76 1.15 -4.61
CA ASN A 34 -15.51 2.48 -5.16
C ASN A 34 -15.21 2.45 -6.66
N GLY A 35 -15.66 3.47 -7.39
CA GLY A 35 -15.32 3.70 -8.80
C GLY A 35 -13.83 3.95 -9.01
N LEU A 36 -13.30 3.66 -10.21
CA LEU A 36 -11.89 3.93 -10.44
C LEU A 36 -11.61 5.44 -10.61
N GLU A 37 -12.58 6.25 -11.02
N GLU A 37 -12.60 6.22 -11.01
CA GLU A 37 -12.34 7.70 -11.08
CA GLU A 37 -12.42 7.68 -11.06
C GLU A 37 -12.13 8.23 -9.64
C GLU A 37 -12.10 8.16 -9.64
N HIS A 38 -12.96 7.74 -8.72
CA HIS A 38 -12.82 8.06 -7.30
C HIS A 38 -11.45 7.60 -6.79
N ALA A 39 -11.12 6.33 -7.04
CA ALA A 39 -9.85 5.82 -6.56
C ALA A 39 -8.65 6.57 -7.14
N LEU A 40 -8.68 6.87 -8.45
CA LEU A 40 -7.53 7.53 -9.07
C LEU A 40 -7.38 8.94 -8.50
N LEU A 41 -8.51 9.59 -8.23
N LEU A 41 -8.52 9.59 -8.26
CA LEU A 41 -8.41 10.93 -7.65
CA LEU A 41 -8.49 10.91 -7.63
C LEU A 41 -7.82 10.90 -6.23
C LEU A 41 -7.84 10.90 -6.24
N VAL A 42 -8.22 9.91 -5.45
CA VAL A 42 -7.73 9.76 -4.09
C VAL A 42 -6.22 9.51 -4.14
N LEU A 43 -5.79 8.62 -5.05
CA LEU A 43 -4.34 8.35 -5.26
C LEU A 43 -3.57 9.63 -5.61
N VAL A 44 -4.09 10.37 -6.57
CA VAL A 44 -3.37 11.54 -7.02
C VAL A 44 -3.36 12.63 -5.97
N LYS A 45 -4.53 12.87 -5.36
CA LYS A 45 -4.67 13.91 -4.34
C LYS A 45 -3.82 13.64 -3.11
N SER A 46 -3.64 12.37 -2.79
CA SER A 46 -2.91 11.98 -1.57
C SER A 46 -1.40 12.00 -1.80
N GLY A 47 -0.97 11.82 -3.04
CA GLY A 47 0.44 11.73 -3.35
C GLY A 47 1.03 10.34 -3.12
N TYR A 48 0.20 9.37 -2.76
CA TYR A 48 0.62 7.97 -2.67
C TYR A 48 0.54 7.32 -4.06
N SER A 49 1.45 6.40 -4.36
CA SER A 49 1.42 5.74 -5.64
C SER A 49 0.59 4.49 -5.49
N ALA A 50 0.38 4.09 -4.24
CA ALA A 50 -0.55 3.02 -3.93
C ALA A 50 -1.26 3.25 -2.59
N ILE A 51 -2.45 2.72 -2.47
CA ILE A 51 -3.21 2.80 -1.22
C ILE A 51 -3.93 1.50 -0.95
N PRO A 52 -4.18 1.21 0.34
CA PRO A 52 -4.92 -0.01 0.68
C PRO A 52 -6.38 0.08 0.29
N VAL A 53 -6.90 -1.08 -0.09
CA VAL A 53 -8.34 -1.30 -0.19
C VAL A 53 -8.89 -1.96 1.09
N LEU A 54 -9.82 -1.32 1.79
CA LEU A 54 -10.28 -1.77 3.10
C LEU A 54 -11.77 -2.12 3.02
N ASP A 55 -12.20 -2.96 3.93
CA ASP A 55 -13.64 -3.21 4.10
C ASP A 55 -14.24 -2.28 5.13
N PRO A 56 -15.55 -2.44 5.41
CA PRO A 56 -16.11 -1.48 6.37
C PRO A 56 -15.61 -1.67 7.81
N MET A 57 -14.94 -2.78 8.10
CA MET A 57 -14.36 -2.95 9.40
C MET A 57 -12.89 -2.52 9.47
N TYR A 58 -12.48 -1.86 8.40
N TYR A 58 -12.43 -1.83 8.44
CA TYR A 58 -11.12 -1.36 8.28
CA TYR A 58 -11.02 -1.37 8.36
C TYR A 58 -10.12 -2.55 8.27
C TYR A 58 -10.04 -2.53 8.11
N LYS A 59 -10.56 -3.66 7.67
CA LYS A 59 -9.69 -4.79 7.40
C LYS A 59 -9.16 -4.70 5.99
N LEU A 60 -7.93 -5.17 5.81
CA LEU A 60 -7.20 -5.08 4.56
C LEU A 60 -7.64 -6.15 3.56
N HIS A 61 -8.06 -5.72 2.37
CA HIS A 61 -8.43 -6.60 1.25
C HIS A 61 -7.41 -6.66 0.14
N GLY A 62 -6.67 -5.59 -0.07
CA GLY A 62 -5.75 -5.57 -1.15
C GLY A 62 -5.14 -4.20 -1.27
N LEU A 63 -4.43 -3.98 -2.35
CA LEU A 63 -3.79 -2.68 -2.62
C LEU A 63 -4.25 -2.22 -3.98
N ILE A 64 -4.32 -0.91 -4.20
CA ILE A 64 -4.56 -0.43 -5.57
C ILE A 64 -3.60 0.65 -5.85
N SER A 65 -2.95 0.63 -7.04
CA SER A 65 -1.95 1.63 -7.40
C SER A 65 -2.35 2.40 -8.66
N THR A 66 -1.75 3.56 -8.90
N THR A 66 -1.73 3.53 -8.92
CA THR A 66 -1.99 4.25 -10.17
CA THR A 66 -1.99 4.25 -10.14
C THR A 66 -1.63 3.32 -11.30
C THR A 66 -1.57 3.41 -11.34
N ALA A 67 -0.46 2.67 -11.19
CA ALA A 67 -0.08 1.71 -12.21
C ALA A 67 -1.23 0.70 -12.51
N MET A 68 -1.89 0.13 -11.50
CA MET A 68 -2.90 -0.91 -11.70
C MET A 68 -4.10 -0.29 -12.45
N ILE A 69 -4.40 0.93 -12.05
CA ILE A 69 -5.49 1.64 -12.72
C ILE A 69 -5.23 1.92 -14.18
N LEU A 70 -4.08 2.52 -14.47
CA LEU A 70 -3.74 2.85 -15.87
C LEU A 70 -3.56 1.55 -16.72
N ASP A 71 -2.99 0.50 -16.12
CA ASP A 71 -2.84 -0.78 -16.85
C ASP A 71 -4.23 -1.33 -17.21
N GLY A 72 -5.18 -1.05 -16.36
CA GLY A 72 -6.53 -1.53 -16.50
C GLY A 72 -7.24 -0.84 -17.64
N ILE A 73 -6.75 0.32 -18.08
CA ILE A 73 -7.35 1.01 -19.21
C ILE A 73 -6.33 1.22 -20.36
N LEU A 74 -5.37 0.33 -20.44
CA LEU A 74 -4.33 0.44 -21.47
C LEU A 74 -4.91 -0.05 -22.82
N GLY A 75 -5.14 0.87 -23.74
CA GLY A 75 -5.62 0.50 -25.05
C GLY A 75 -4.43 0.22 -25.96
N LEU A 76 -4.74 -0.14 -27.20
CA LEU A 76 -3.68 -0.31 -28.21
C LEU A 76 -2.98 1.01 -28.54
N GLU A 77 -3.74 2.07 -28.68
CA GLU A 77 -3.23 3.36 -29.14
C GLU A 77 -3.32 4.52 -28.14
N ARG A 78 -3.96 4.29 -26.99
N ARG A 78 -3.93 4.28 -26.98
CA ARG A 78 -4.09 5.36 -26.03
CA ARG A 78 -4.08 5.35 -26.02
C ARG A 78 -4.48 4.76 -24.69
C ARG A 78 -4.49 4.76 -24.68
N ILE A 79 -4.32 5.55 -23.63
CA ILE A 79 -4.83 5.17 -22.31
C ILE A 79 -6.29 5.54 -22.36
N GLU A 80 -7.17 4.56 -22.14
CA GLU A 80 -8.61 4.71 -22.41
C GLU A 80 -9.39 5.22 -21.21
N PHE A 81 -9.16 6.49 -20.85
N PHE A 81 -9.15 6.51 -20.91
CA PHE A 81 -9.69 7.05 -19.61
CA PHE A 81 -9.65 7.18 -19.73
C PHE A 81 -11.23 7.07 -19.52
C PHE A 81 -11.19 7.11 -19.56
N GLU A 82 -11.91 7.09 -20.66
CA GLU A 82 -13.36 7.08 -20.65
C GLU A 82 -13.88 5.81 -19.98
N ARG A 83 -13.08 4.76 -20.02
CA ARG A 83 -13.46 3.53 -19.31
C ARG A 83 -13.53 3.62 -17.80
N LEU A 84 -12.86 4.60 -17.19
CA LEU A 84 -12.80 4.60 -15.73
C LEU A 84 -14.16 4.74 -15.09
N GLU A 85 -15.06 5.48 -15.72
N GLU A 85 -15.05 5.48 -15.75
CA GLU A 85 -16.37 5.74 -15.13
CA GLU A 85 -16.38 5.77 -15.22
C GLU A 85 -17.17 4.45 -14.94
C GLU A 85 -17.18 4.48 -14.98
N GLU A 86 -16.83 3.43 -15.72
CA GLU A 86 -17.57 2.16 -15.70
C GLU A 86 -16.95 1.11 -14.77
N MET A 87 -15.76 1.38 -14.22
CA MET A 87 -15.02 0.39 -13.49
C MET A 87 -14.93 0.63 -12.02
N LYS A 88 -14.70 -0.44 -11.30
CA LYS A 88 -14.58 -0.38 -9.85
C LYS A 88 -13.21 -0.86 -9.38
N VAL A 89 -12.87 -0.49 -8.15
CA VAL A 89 -11.59 -0.87 -7.54
C VAL A 89 -11.35 -2.38 -7.59
N GLU A 90 -12.41 -3.15 -7.36
CA GLU A 90 -12.33 -4.62 -7.34
C GLU A 90 -11.73 -5.17 -8.64
N GLN A 91 -11.92 -4.48 -9.76
CA GLN A 91 -11.50 -5.04 -11.06
C GLN A 91 -10.00 -4.94 -11.30
N VAL A 92 -9.27 -4.12 -10.54
CA VAL A 92 -7.85 -3.93 -10.81
C VAL A 92 -6.95 -4.10 -9.57
N MET A 93 -7.54 -4.15 -8.39
CA MET A 93 -6.71 -4.26 -7.19
C MET A 93 -5.91 -5.60 -7.16
N LYS A 94 -4.88 -5.60 -6.32
CA LYS A 94 -3.98 -6.76 -6.15
C LYS A 94 -4.35 -7.33 -4.77
N GLN A 95 -4.71 -8.61 -4.72
CA GLN A 95 -5.11 -9.25 -3.47
C GLN A 95 -3.92 -9.95 -2.84
N ASP A 96 -2.98 -10.40 -3.66
CA ASP A 96 -1.81 -11.20 -3.17
C ASP A 96 -0.68 -10.23 -2.89
N ILE A 97 -0.76 -9.58 -1.74
CA ILE A 97 0.13 -8.47 -1.44
C ILE A 97 0.92 -8.75 -0.19
N PRO A 98 2.06 -8.04 -0.06
CA PRO A 98 2.97 -8.11 1.09
C PRO A 98 2.31 -7.53 2.35
N VAL A 99 2.20 -8.34 3.41
N VAL A 99 2.17 -8.36 3.39
CA VAL A 99 1.66 -7.86 4.69
CA VAL A 99 1.72 -7.87 4.68
C VAL A 99 2.50 -8.31 5.90
C VAL A 99 2.75 -8.21 5.75
N LEU A 100 2.79 -7.38 6.79
CA LEU A 100 3.57 -7.70 7.99
C LEU A 100 2.71 -7.37 9.20
N LYS A 101 2.98 -8.05 10.31
CA LYS A 101 2.35 -7.74 11.60
C LYS A 101 3.15 -6.62 12.29
N LEU A 102 2.51 -5.92 13.19
CA LEU A 102 3.15 -4.86 13.94
C LEU A 102 4.43 -5.31 14.61
N GLU A 103 4.45 -6.55 15.10
CA GLU A 103 5.61 -7.05 15.83
C GLU A 103 6.64 -7.73 14.97
N ASP A 104 6.43 -7.79 13.65
CA ASP A 104 7.47 -8.40 12.80
C ASP A 104 8.81 -7.64 12.85
N SER A 105 9.90 -8.38 12.63
CA SER A 105 11.25 -7.83 12.76
C SER A 105 11.71 -6.90 11.64
N PHE A 106 12.71 -6.09 11.96
CA PHE A 106 13.34 -5.26 10.94
C PHE A 106 13.91 -6.14 9.81
N ALA A 107 14.55 -7.24 10.18
CA ALA A 107 15.09 -8.17 9.22
C ALA A 107 14.03 -8.63 8.22
N LYS A 108 12.85 -8.96 8.71
CA LYS A 108 11.78 -9.48 7.87
C LYS A 108 11.28 -8.40 6.91
N ALA A 109 11.20 -7.16 7.40
CA ALA A 109 10.77 -6.04 6.56
C ALA A 109 11.80 -5.71 5.50
N LEU A 110 13.07 -5.57 5.93
CA LEU A 110 14.14 -5.29 4.96
C LEU A 110 14.11 -6.27 3.80
N GLU A 111 14.05 -7.55 4.12
CA GLU A 111 13.93 -8.57 3.08
C GLU A 111 12.68 -8.38 2.18
N MET A 112 11.52 -8.21 2.81
CA MET A 112 10.30 -7.96 2.01
C MET A 112 10.42 -6.74 1.10
N THR A 113 11.08 -5.66 1.53
CA THR A 113 11.12 -4.43 0.74
C THR A 113 11.99 -4.55 -0.54
N ILE A 114 12.84 -5.57 -0.63
CA ILE A 114 13.60 -5.75 -1.88
C ILE A 114 12.67 -5.82 -3.12
N ASP A 115 11.59 -6.60 -3.06
CA ASP A 115 10.68 -6.67 -4.20
C ASP A 115 9.37 -5.89 -4.03
N HIS A 116 9.10 -5.39 -2.83
CA HIS A 116 7.83 -4.70 -2.60
C HIS A 116 8.07 -3.32 -2.03
N PRO A 117 7.78 -2.29 -2.81
CA PRO A 117 8.05 -0.88 -2.51
C PRO A 117 7.23 -0.46 -1.29
N PHE A 118 6.12 -1.14 -1.11
CA PHE A 118 5.45 -0.98 0.16
C PHE A 118 4.48 -2.04 0.59
N ILE A 119 4.46 -2.12 1.90
CA ILE A 119 4.00 -3.28 2.56
C ILE A 119 3.02 -2.77 3.58
N CYS A 120 1.91 -3.48 3.69
CA CYS A 120 0.91 -3.10 4.64
C CYS A 120 1.17 -3.84 5.93
N ALA A 121 0.94 -3.14 7.04
CA ALA A 121 1.01 -3.66 8.36
C ALA A 121 -0.41 -3.89 8.83
N VAL A 122 -0.66 -5.04 9.47
CA VAL A 122 -1.96 -5.33 10.03
C VAL A 122 -1.75 -5.81 11.48
N ASN A 123 -2.79 -5.74 12.29
CA ASN A 123 -2.70 -6.32 13.63
C ASN A 123 -3.15 -7.77 13.62
N GLU A 124 -3.12 -8.40 14.78
CA GLU A 124 -3.56 -9.77 14.94
C GLU A 124 -4.81 -10.06 14.08
N ASP A 125 -5.81 -9.19 14.19
CA ASP A 125 -7.14 -9.41 13.59
C ASP A 125 -7.30 -8.88 12.16
N GLY A 126 -6.20 -8.57 11.50
CA GLY A 126 -6.28 -8.14 10.11
C GLY A 126 -6.73 -6.71 9.88
N TYR A 127 -6.87 -5.94 10.96
CA TYR A 127 -7.17 -4.54 10.81
C TYR A 127 -5.93 -3.92 10.19
N PHE A 128 -6.14 -2.98 9.28
CA PHE A 128 -5.04 -2.21 8.69
C PHE A 128 -4.48 -1.22 9.73
N GLU A 129 -3.15 -1.20 9.88
N GLU A 129 -3.16 -1.20 9.93
CA GLU A 129 -2.46 -0.45 10.95
CA GLU A 129 -2.56 -0.33 10.94
C GLU A 129 -1.50 0.62 10.44
C GLU A 129 -1.64 0.74 10.36
N GLY A 130 -1.05 0.44 9.20
CA GLY A 130 -0.13 1.35 8.58
C GLY A 130 0.58 0.77 7.35
N ILE A 131 1.54 1.53 6.82
CA ILE A 131 2.31 1.03 5.68
C ILE A 131 3.80 1.20 5.97
N LEU A 132 4.60 0.29 5.45
N LEU A 132 4.57 0.23 5.48
CA LEU A 132 6.04 0.35 5.68
CA LEU A 132 6.00 0.27 5.56
C LEU A 132 6.75 0.49 4.33
C LEU A 132 6.46 0.70 4.19
N THR A 133 7.43 1.62 4.15
CA THR A 133 8.02 1.99 2.87
C THR A 133 9.48 1.60 2.84
N ARG A 134 10.01 1.61 1.62
CA ARG A 134 11.44 1.44 1.45
C ARG A 134 12.23 2.55 2.09
N ARG A 135 11.74 3.78 2.00
N ARG A 135 11.76 3.79 2.00
CA ARG A 135 12.48 4.92 2.55
CA ARG A 135 12.55 4.88 2.57
C ARG A 135 12.86 4.72 4.01
C ARG A 135 12.90 4.65 4.02
N ALA A 136 11.91 4.27 4.83
CA ALA A 136 12.14 4.04 6.23
C ALA A 136 13.25 2.98 6.45
N ILE A 137 13.20 1.88 5.71
CA ILE A 137 14.28 0.89 5.83
C ILE A 137 15.66 1.46 5.44
N LEU A 138 15.68 2.27 4.39
CA LEU A 138 16.91 2.81 3.85
C LEU A 138 17.46 3.91 4.75
N LYS A 139 16.56 4.66 5.35
CA LYS A 139 16.98 5.79 6.15
C LYS A 139 17.70 5.21 7.38
N LEU A 140 17.13 4.14 7.93
CA LEU A 140 17.72 3.43 9.03
C LEU A 140 19.07 2.80 8.66
N LEU A 141 19.14 2.21 7.47
CA LEU A 141 20.35 1.53 7.02
C LEU A 141 21.46 2.53 6.70
N ASN A 142 21.06 3.69 6.18
CA ASN A 142 22.03 4.68 5.74
C ASN A 142 22.93 5.16 6.86
N LYS A 143 22.31 5.59 7.96
CA LYS A 143 23.05 6.11 9.11
C LYS A 143 23.94 5.02 9.74
N LYS A 144 23.35 3.86 9.96
CA LYS A 144 24.03 2.81 10.71
C LYS A 144 25.31 2.35 10.02
N VAL A 145 25.15 1.81 8.81
CA VAL A 145 26.30 1.34 8.03
C VAL A 145 27.50 2.33 7.97
S SO4 B . -4.06 -10.68 -7.60
O1 SO4 B . -4.09 -11.67 -8.68
O2 SO4 B . -3.30 -11.18 -6.47
O3 SO4 B . -3.39 -9.47 -8.11
O4 SO4 B . -5.43 -10.35 -7.20
S SO4 C . -17.91 5.99 -6.15
O1 SO4 C . -18.89 4.96 -5.77
O2 SO4 C . -18.19 7.13 -5.29
O3 SO4 C . -16.64 5.46 -5.77
O4 SO4 C . -18.00 6.30 -7.54
S SO4 D . 8.81 7.27 5.62
O1 SO4 D . 8.40 6.23 6.56
O2 SO4 D . 8.22 8.54 6.01
O3 SO4 D . 10.27 7.43 5.68
O4 SO4 D . 8.36 6.90 4.28
S SO4 E . -8.57 6.68 9.31
O1 SO4 E . -8.50 5.92 10.57
O2 SO4 E . -8.24 8.08 9.59
O3 SO4 E . -7.61 6.17 8.34
O4 SO4 E . -9.91 6.54 8.74
S SO4 F . -17.43 5.57 0.28
O1 SO4 F . -17.51 4.29 -0.44
O2 SO4 F . -18.77 5.93 0.77
O3 SO4 F . -16.54 5.44 1.43
O4 SO4 F . -16.95 6.64 -0.60
S SO4 G . 13.13 12.08 8.19
O1 SO4 G . 13.47 11.58 9.51
O2 SO4 G . 12.40 13.33 8.34
O3 SO4 G . 14.34 12.31 7.42
O4 SO4 G . 12.28 11.10 7.49
C FMT H . 0.74 9.35 -7.58
O1 FMT H . 0.55 10.04 -6.59
O2 FMT H . -0.05 9.25 -8.49
C FMT I . 2.99 11.51 1.75
O1 FMT I . 2.88 12.39 2.61
O2 FMT I . 2.39 11.53 0.67
C FMT J . -13.99 2.78 5.28
O1 FMT J . -14.90 2.77 6.11
O2 FMT J . -13.60 1.79 4.63
C FMT K . 11.04 -13.12 10.84
O1 FMT K . 10.92 -13.75 9.78
O2 FMT K . 12.03 -13.17 11.57
C1 GOL L . -7.19 -4.48 -19.54
O1 GOL L . -8.34 -4.12 -20.30
C2 GOL L . -5.97 -3.67 -20.01
O2 GOL L . -6.22 -3.27 -21.35
C3 GOL L . -4.70 -4.53 -19.88
O3 GOL L . -3.74 -4.27 -18.83
#